data_1IYN
#
_entry.id   1IYN
#
_cell.length_a   37.188
_cell.length_b   76.790
_cell.length_c   98.776
_cell.angle_alpha   90.00
_cell.angle_beta   90.00
_cell.angle_gamma   90.00
#
_symmetry.space_group_name_H-M   'P 21 21 21'
#
loop_
_entity.id
_entity.type
_entity.pdbx_description
1 polymer 'Chloroplastic ascorbate peroxidase'
2 non-polymer 'SODIUM ION'
3 non-polymer 'PROTOPORPHYRIN IX CONTAINING FE'
4 water water
#
_entity_poly.entity_id   1
_entity_poly.type   'polypeptide(L)'
_entity_poly.pdbx_seq_one_letter_code
;AASDSAQLKSAREDIKELLKTKFCHPIMVRLGWHDAGTYNKNIEEWPQRGGANGSLRFDVELKHGANAGLVNALNLLKPI
KDKYSGVTYADLFQLASATAIEEAGGPKIPMKYGRVDVTEPEQCPEEGRLPDAGPPSPAQHLRDVFYRMGLNDKEIVALS
GAHTLGRSRPDRSGWGKPETKYTKDGPGAPGGQSWTAQWLKFDNSYFKDIKERRDEDLLVLPTDAALFEDPSFKVYAEKY
AADPEAFFKDYAEAHAKLSNLGAKFGPAEGFSLEGSPAGAAPEKFVAAKYSTGKD
;
_entity_poly.pdbx_strand_id   A
#
loop_
_chem_comp.id
_chem_comp.type
_chem_comp.name
_chem_comp.formula
HEM non-polymer 'PROTOPORPHYRIN IX CONTAINING FE' 'C34 H32 Fe N4 O4'
NA non-polymer 'SODIUM ION' 'Na 1'
#
# COMPACT_ATOMS: atom_id res chain seq x y z
N ALA A 1 8.84 30.38 -5.62
CA ALA A 1 10.13 30.27 -4.89
C ALA A 1 10.61 28.82 -4.86
N ALA A 2 9.89 27.96 -4.13
CA ALA A 2 10.26 26.55 -4.05
C ALA A 2 9.71 25.79 -5.25
N SER A 3 10.60 25.10 -5.96
CA SER A 3 10.17 24.32 -7.13
C SER A 3 9.30 23.17 -6.63
N ASP A 4 8.57 22.54 -7.54
CA ASP A 4 7.70 21.43 -7.17
C ASP A 4 8.51 20.25 -6.66
N SER A 5 9.68 20.02 -7.26
CA SER A 5 10.54 18.92 -6.84
C SER A 5 11.04 19.20 -5.42
N ALA A 6 11.40 20.45 -5.15
CA ALA A 6 11.89 20.86 -3.84
C ALA A 6 10.80 20.67 -2.80
N GLN A 7 9.57 21.01 -3.15
CA GLN A 7 8.45 20.86 -2.24
C GLN A 7 8.24 19.38 -1.88
N LEU A 8 8.37 18.50 -2.86
CA LEU A 8 8.22 17.07 -2.60
C LEU A 8 9.29 16.61 -1.61
N LYS A 9 10.50 17.14 -1.75
CA LYS A 9 11.58 16.77 -0.84
C LYS A 9 11.27 17.27 0.56
N SER A 10 10.72 18.48 0.69
CA SER A 10 10.37 19.01 2.00
C SER A 10 9.26 18.17 2.60
N ALA A 11 8.31 17.80 1.76
CA ALA A 11 7.19 16.97 2.19
C ALA A 11 7.73 15.64 2.71
N ARG A 12 8.75 15.10 2.03
CA ARG A 12 9.34 13.83 2.47
C ARG A 12 9.95 13.97 3.85
N GLU A 13 10.56 15.13 4.11
CA GLU A 13 11.16 15.38 5.41
C GLU A 13 10.08 15.38 6.48
N ASP A 14 8.97 16.04 6.18
CA ASP A 14 7.85 16.11 7.11
C ASP A 14 7.30 14.72 7.37
N ILE A 15 7.20 13.91 6.32
CA ILE A 15 6.70 12.55 6.44
C ILE A 15 7.61 11.72 7.34
N LYS A 16 8.92 11.86 7.17
CA LYS A 16 9.85 11.11 8.00
C LYS A 16 9.68 11.49 9.47
N GLU A 17 9.45 12.78 9.73
CA GLU A 17 9.25 13.24 11.11
C GLU A 17 7.95 12.65 11.65
N LEU A 18 6.93 12.62 10.81
CA LEU A 18 5.62 12.07 11.17
C LEU A 18 5.73 10.59 11.52
N LEU A 19 6.48 9.85 10.70
CA LEU A 19 6.67 8.42 10.91
C LEU A 19 7.44 8.15 12.21
N LYS A 20 8.41 9.01 12.51
CA LYS A 20 9.22 8.87 13.72
C LYS A 20 8.41 9.18 14.98
N THR A 21 7.38 10.01 14.82
CA THR A 21 6.55 10.44 15.94
C THR A 21 5.28 9.61 16.15
N LYS A 22 4.62 9.23 15.07
CA LYS A 22 3.37 8.48 15.15
C LYS A 22 3.47 7.00 14.84
N PHE A 23 4.59 6.56 14.26
CA PHE A 23 4.79 5.15 13.92
C PHE A 23 3.68 4.66 12.99
N CYS A 24 3.28 5.51 12.05
CA CYS A 24 2.19 5.19 11.13
C CYS A 24 2.62 4.69 9.76
N HIS A 25 3.76 4.00 9.69
CA HIS A 25 4.25 3.48 8.44
C HIS A 25 3.24 2.60 7.70
N PRO A 26 2.67 1.60 8.40
CA PRO A 26 1.69 0.70 7.76
C PRO A 26 0.50 1.36 7.07
N ILE A 27 -0.17 2.28 7.76
CA ILE A 27 -1.35 2.89 7.15
C ILE A 27 -0.99 3.73 5.92
N MET A 28 0.22 4.28 5.89
CA MET A 28 0.62 5.08 4.72
C MET A 28 0.80 4.17 3.50
N VAL A 29 1.34 2.97 3.71
CA VAL A 29 1.53 2.02 2.62
C VAL A 29 0.15 1.57 2.12
N ARG A 30 -0.77 1.32 3.06
CA ARG A 30 -2.12 0.89 2.69
C ARG A 30 -2.83 2.03 1.92
N LEU A 31 -2.68 3.26 2.37
CA LEU A 31 -3.30 4.40 1.70
C LEU A 31 -2.84 4.50 0.24
N GLY A 32 -1.53 4.45 0.03
CA GLY A 32 -1.01 4.55 -1.32
C GLY A 32 -1.52 3.46 -2.22
N TRP A 33 -1.53 2.23 -1.69
CA TRP A 33 -2.00 1.07 -2.45
C TRP A 33 -3.48 1.17 -2.77
N HIS A 34 -4.28 1.71 -1.86
CA HIS A 34 -5.71 1.80 -2.15
C HIS A 34 -6.08 2.91 -3.13
N ASP A 35 -5.17 3.84 -3.37
CA ASP A 35 -5.45 4.87 -4.37
C ASP A 35 -5.11 4.20 -5.71
N ALA A 36 -3.93 3.58 -5.78
CA ALA A 36 -3.47 2.94 -7.02
C ALA A 36 -4.23 1.67 -7.42
N GLY A 37 -4.65 0.90 -6.42
CA GLY A 37 -5.32 -0.36 -6.69
C GLY A 37 -6.65 -0.38 -7.42
N THR A 38 -7.23 0.78 -7.70
CA THR A 38 -8.50 0.82 -8.41
C THR A 38 -8.28 0.89 -9.92
N TYR A 39 -7.03 0.80 -10.35
CA TYR A 39 -6.72 0.87 -11.78
C TYR A 39 -7.31 -0.30 -12.59
N ASN A 40 -7.84 0.02 -13.77
CA ASN A 40 -8.39 -0.98 -14.68
C ASN A 40 -7.70 -0.76 -16.03
N LYS A 41 -6.81 -1.68 -16.39
CA LYS A 41 -6.06 -1.57 -17.63
C LYS A 41 -6.96 -1.56 -18.88
N ASN A 42 -8.18 -2.04 -18.73
CA ASN A 42 -9.11 -2.11 -19.85
C ASN A 42 -9.81 -0.80 -20.16
N ILE A 43 -9.69 0.17 -19.26
CA ILE A 43 -10.30 1.49 -19.46
C ILE A 43 -9.18 2.42 -19.91
N GLU A 44 -9.37 3.07 -21.05
CA GLU A 44 -8.33 3.94 -21.58
C GLU A 44 -8.21 5.34 -20.99
N GLU A 45 -9.34 5.98 -20.75
CA GLU A 45 -9.36 7.35 -20.25
C GLU A 45 -9.03 7.63 -18.78
N TRP A 46 -8.36 8.76 -18.56
CA TRP A 46 -8.02 9.25 -17.24
C TRP A 46 -9.18 10.21 -16.96
N PRO A 47 -9.76 10.21 -15.75
CA PRO A 47 -9.45 9.38 -14.56
C PRO A 47 -10.35 8.16 -14.42
N GLN A 48 -11.19 7.90 -15.42
CA GLN A 48 -12.11 6.77 -15.37
C GLN A 48 -11.39 5.45 -15.07
N ARG A 49 -10.17 5.33 -15.58
CA ARG A 49 -9.38 4.12 -15.38
C ARG A 49 -8.96 3.90 -13.93
N GLY A 50 -9.13 4.92 -13.09
CA GLY A 50 -8.75 4.81 -11.69
C GLY A 50 -7.24 4.83 -11.51
N GLY A 51 -6.78 4.41 -10.33
CA GLY A 51 -5.35 4.40 -10.09
C GLY A 51 -4.84 5.60 -9.30
N ALA A 52 -3.53 5.80 -9.32
CA ALA A 52 -2.88 6.88 -8.59
C ALA A 52 -3.20 8.29 -9.12
N ASN A 53 -4.34 8.82 -8.71
CA ASN A 53 -4.76 10.16 -9.14
C ASN A 53 -5.32 11.00 -7.99
N GLY A 54 -5.10 10.55 -6.76
CA GLY A 54 -5.55 11.28 -5.59
C GLY A 54 -7.05 11.33 -5.31
N SER A 55 -7.82 10.51 -6.01
CA SER A 55 -9.27 10.52 -5.79
C SER A 55 -9.60 9.98 -4.41
N LEU A 56 -8.72 9.13 -3.87
CA LEU A 56 -8.95 8.53 -2.56
C LEU A 56 -9.09 9.56 -1.43
N ARG A 57 -8.78 10.82 -1.72
CA ARG A 57 -8.88 11.87 -0.70
C ARG A 57 -10.33 12.28 -0.43
N PHE A 58 -11.24 11.91 -1.31
CA PHE A 58 -12.64 12.28 -1.14
C PHE A 58 -13.47 11.31 -0.29
N ASP A 59 -14.37 11.87 0.51
CA ASP A 59 -15.22 11.10 1.40
C ASP A 59 -15.95 9.95 0.70
N VAL A 60 -16.44 10.20 -0.51
CA VAL A 60 -17.16 9.17 -1.25
C VAL A 60 -16.34 7.89 -1.43
N GLU A 61 -15.05 8.03 -1.70
CA GLU A 61 -14.19 6.87 -1.87
C GLU A 61 -13.67 6.35 -0.54
N LEU A 62 -13.43 7.24 0.42
CA LEU A 62 -12.95 6.81 1.72
C LEU A 62 -14.01 5.94 2.39
N LYS A 63 -15.27 6.14 2.00
CA LYS A 63 -16.38 5.37 2.57
C LYS A 63 -16.52 3.96 2.02
N HIS A 64 -15.74 3.63 1.00
CA HIS A 64 -15.81 2.28 0.45
C HIS A 64 -15.39 1.32 1.55
N GLY A 65 -16.00 0.14 1.58
CA GLY A 65 -15.68 -0.83 2.61
C GLY A 65 -14.20 -1.14 2.74
N ALA A 66 -13.53 -1.30 1.60
CA ALA A 66 -12.11 -1.62 1.58
C ALA A 66 -11.26 -0.50 2.15
N ASN A 67 -11.81 0.71 2.22
CA ASN A 67 -11.05 1.85 2.72
C ASN A 67 -11.34 2.26 4.16
N ALA A 68 -11.97 1.38 4.91
CA ALA A 68 -12.29 1.65 6.30
C ALA A 68 -11.04 2.07 7.07
N GLY A 69 -11.14 3.20 7.78
CA GLY A 69 -10.02 3.68 8.56
C GLY A 69 -8.99 4.51 7.84
N LEU A 70 -9.02 4.51 6.51
CA LEU A 70 -8.02 5.28 5.77
C LEU A 70 -8.13 6.79 5.94
N VAL A 71 -9.29 7.28 6.36
CA VAL A 71 -9.46 8.72 6.57
C VAL A 71 -8.42 9.21 7.60
N ASN A 72 -8.01 8.31 8.50
CA ASN A 72 -7.00 8.65 9.51
C ASN A 72 -5.68 9.01 8.82
N ALA A 73 -5.31 8.23 7.80
CA ALA A 73 -4.08 8.47 7.08
C ALA A 73 -4.16 9.80 6.33
N LEU A 74 -5.29 10.04 5.68
CA LEU A 74 -5.49 11.30 4.96
C LEU A 74 -5.32 12.44 5.94
N ASN A 75 -5.99 12.34 7.09
CA ASN A 75 -5.93 13.39 8.11
C ASN A 75 -4.51 13.65 8.60
N LEU A 76 -3.72 12.58 8.73
CA LEU A 76 -2.32 12.71 9.17
C LEU A 76 -1.49 13.44 8.11
N LEU A 77 -1.85 13.27 6.84
CA LEU A 77 -1.12 13.92 5.75
C LEU A 77 -1.59 15.33 5.40
N LYS A 78 -2.85 15.63 5.71
CA LYS A 78 -3.41 16.95 5.41
C LYS A 78 -2.52 18.12 5.83
N PRO A 79 -2.02 18.11 7.07
CA PRO A 79 -1.15 19.22 7.52
C PRO A 79 0.07 19.43 6.63
N ILE A 80 0.61 18.33 6.11
CA ILE A 80 1.78 18.40 5.23
C ILE A 80 1.35 18.92 3.87
N LYS A 81 0.26 18.38 3.35
CA LYS A 81 -0.28 18.80 2.07
C LYS A 81 -0.50 20.30 2.05
N ASP A 82 -1.03 20.83 3.15
CA ASP A 82 -1.31 22.26 3.23
C ASP A 82 -0.08 23.15 3.10
N LYS A 83 1.08 22.60 3.45
CA LYS A 83 2.32 23.37 3.37
C LYS A 83 2.85 23.52 1.94
N TYR A 84 2.43 22.62 1.05
CA TYR A 84 2.93 22.63 -0.32
C TYR A 84 1.87 22.62 -1.41
N SER A 85 1.63 23.79 -1.99
CA SER A 85 0.63 23.89 -3.04
C SER A 85 1.10 23.19 -4.32
N GLY A 86 2.41 22.95 -4.43
CA GLY A 86 2.94 22.29 -5.60
C GLY A 86 2.97 20.78 -5.53
N VAL A 87 2.51 20.24 -4.40
CA VAL A 87 2.49 18.79 -4.18
C VAL A 87 1.04 18.29 -4.30
N THR A 88 0.81 17.32 -5.17
CA THR A 88 -0.53 16.77 -5.36
C THR A 88 -0.78 15.65 -4.35
N TYR A 89 -2.05 15.38 -4.05
CA TYR A 89 -2.38 14.31 -3.13
C TYR A 89 -1.92 13.01 -3.78
N ALA A 90 -2.08 12.92 -5.10
CA ALA A 90 -1.67 11.71 -5.82
C ALA A 90 -0.21 11.39 -5.51
N ASP A 91 0.67 12.39 -5.66
CA ASP A 91 2.08 12.22 -5.36
C ASP A 91 2.34 12.01 -3.86
N LEU A 92 1.66 12.80 -3.03
CA LEU A 92 1.83 12.71 -1.57
C LEU A 92 1.52 11.31 -1.04
N PHE A 93 0.45 10.70 -1.54
CA PHE A 93 0.07 9.35 -1.10
C PHE A 93 1.20 8.38 -1.44
N GLN A 94 1.69 8.44 -2.68
CA GLN A 94 2.75 7.54 -3.09
C GLN A 94 4.08 7.84 -2.40
N LEU A 95 4.35 9.12 -2.14
CA LEU A 95 5.58 9.51 -1.45
C LEU A 95 5.57 8.98 -0.02
N ALA A 96 4.43 9.14 0.67
CA ALA A 96 4.30 8.67 2.04
C ALA A 96 4.47 7.15 2.11
N SER A 97 3.92 6.44 1.13
CA SER A 97 4.04 4.99 1.10
C SER A 97 5.48 4.53 0.86
N ALA A 98 6.11 5.03 -0.19
CA ALA A 98 7.49 4.66 -0.50
C ALA A 98 8.43 5.02 0.66
N THR A 99 8.25 6.20 1.22
CA THR A 99 9.10 6.64 2.32
C THR A 99 8.87 5.71 3.51
N ALA A 100 7.62 5.32 3.75
CA ALA A 100 7.28 4.42 4.85
C ALA A 100 8.01 3.08 4.72
N ILE A 101 7.99 2.50 3.53
CA ILE A 101 8.66 1.22 3.29
C ILE A 101 10.15 1.33 3.63
N GLU A 102 10.77 2.37 3.09
CA GLU A 102 12.19 2.61 3.29
C GLU A 102 12.54 2.91 4.76
N GLU A 103 11.78 3.78 5.41
CA GLU A 103 12.06 4.11 6.81
C GLU A 103 11.87 2.88 7.69
N ALA A 104 11.06 1.95 7.22
CA ALA A 104 10.79 0.73 7.95
C ALA A 104 11.89 -0.32 7.69
N GLY A 105 12.90 0.07 6.92
CA GLY A 105 13.99 -0.84 6.63
C GLY A 105 13.85 -1.59 5.31
N GLY A 106 12.88 -1.20 4.50
CA GLY A 106 12.67 -1.86 3.23
C GLY A 106 13.62 -1.39 2.15
N PRO A 107 13.49 -1.93 0.93
CA PRO A 107 14.36 -1.55 -0.18
C PRO A 107 14.05 -0.15 -0.68
N LYS A 108 14.99 0.45 -1.40
CA LYS A 108 14.79 1.77 -1.96
C LYS A 108 13.94 1.56 -3.20
N ILE A 109 12.76 2.18 -3.22
CA ILE A 109 11.85 2.03 -4.34
C ILE A 109 12.18 3.04 -5.44
N PRO A 110 12.36 2.58 -6.69
CA PRO A 110 12.67 3.44 -7.84
C PRO A 110 11.42 4.24 -8.22
N MET A 111 11.21 5.34 -7.51
CA MET A 111 10.04 6.19 -7.69
C MET A 111 10.17 7.39 -8.61
N LYS A 112 9.05 7.79 -9.18
CA LYS A 112 9.00 8.98 -10.00
C LYS A 112 7.74 9.72 -9.58
N TYR A 113 7.74 11.03 -9.77
CA TYR A 113 6.61 11.85 -9.37
C TYR A 113 6.08 12.73 -10.48
N GLY A 114 5.08 13.56 -10.15
CA GLY A 114 4.48 14.44 -11.14
C GLY A 114 3.04 14.03 -11.44
N ARG A 115 2.48 13.15 -10.61
CA ARG A 115 1.10 12.71 -10.80
C ARG A 115 0.08 13.84 -10.69
N VAL A 116 -0.89 13.83 -11.59
CA VAL A 116 -1.94 14.84 -11.60
C VAL A 116 -3.12 14.39 -10.75
N ASP A 117 -3.72 15.34 -10.04
CA ASP A 117 -4.86 15.08 -9.16
C ASP A 117 -6.20 15.23 -9.86
N VAL A 118 -7.15 14.36 -9.54
CA VAL A 118 -8.49 14.50 -10.08
C VAL A 118 -9.00 15.69 -9.28
N THR A 119 -10.04 16.36 -9.75
CA THR A 119 -10.54 17.56 -9.07
C THR A 119 -11.92 17.48 -8.40
N GLU A 120 -12.74 16.51 -8.80
CA GLU A 120 -14.08 16.37 -8.24
C GLU A 120 -14.34 14.95 -7.76
N PRO A 121 -15.11 14.79 -6.67
CA PRO A 121 -15.40 13.44 -6.16
C PRO A 121 -16.16 12.61 -7.19
N GLU A 122 -16.71 13.27 -8.20
CA GLU A 122 -17.43 12.58 -9.25
C GLU A 122 -16.46 11.77 -10.10
N GLN A 123 -15.18 12.08 -9.98
CA GLN A 123 -14.15 11.39 -10.73
C GLN A 123 -13.61 10.14 -10.02
N CYS A 124 -14.07 9.92 -8.80
CA CYS A 124 -13.65 8.74 -8.03
C CYS A 124 -14.23 7.49 -8.71
N PRO A 125 -13.48 6.39 -8.68
CA PRO A 125 -14.00 5.16 -9.31
C PRO A 125 -15.14 4.60 -8.45
N GLU A 126 -16.00 3.78 -9.04
CA GLU A 126 -17.09 3.20 -8.26
C GLU A 126 -16.44 2.18 -7.30
N GLU A 127 -17.15 1.81 -6.26
CA GLU A 127 -16.61 0.85 -5.30
C GLU A 127 -16.58 -0.57 -5.87
N GLY A 128 -15.65 -1.38 -5.38
CA GLY A 128 -15.55 -2.76 -5.83
C GLY A 128 -14.32 -3.16 -6.62
N ARG A 129 -13.39 -2.24 -6.85
CA ARG A 129 -12.18 -2.57 -7.60
C ARG A 129 -11.05 -3.11 -6.73
N LEU A 130 -11.18 -2.93 -5.42
CA LEU A 130 -10.18 -3.42 -4.47
C LEU A 130 -10.57 -4.83 -4.04
N PRO A 131 -9.58 -5.67 -3.69
CA PRO A 131 -9.81 -7.04 -3.26
C PRO A 131 -10.47 -7.27 -1.91
N ASP A 132 -11.10 -8.42 -1.77
CA ASP A 132 -11.74 -8.85 -0.53
C ASP A 132 -10.78 -9.88 0.05
N ALA A 133 -10.66 -9.91 1.37
CA ALA A 133 -9.76 -10.86 2.01
C ALA A 133 -10.38 -12.24 2.16
N GLY A 134 -11.71 -12.31 2.12
CA GLY A 134 -12.36 -13.59 2.28
C GLY A 134 -13.35 -14.03 1.21
N PRO A 135 -12.95 -14.06 -0.08
CA PRO A 135 -13.88 -14.47 -1.14
C PRO A 135 -13.96 -16.01 -1.15
N PRO A 136 -14.93 -16.57 -1.89
CA PRO A 136 -15.04 -18.04 -1.93
C PRO A 136 -13.83 -18.73 -2.56
N SER A 137 -13.21 -18.07 -3.54
CA SER A 137 -12.03 -18.61 -4.22
C SER A 137 -10.92 -17.56 -4.20
N PRO A 138 -10.22 -17.42 -3.06
CA PRO A 138 -9.13 -16.45 -2.86
C PRO A 138 -8.11 -16.28 -3.99
N ALA A 139 -7.47 -17.36 -4.40
CA ALA A 139 -6.46 -17.29 -5.46
C ALA A 139 -7.04 -16.74 -6.76
N GLN A 140 -8.21 -17.23 -7.17
CA GLN A 140 -8.82 -16.73 -8.39
C GLN A 140 -9.25 -15.28 -8.22
N HIS A 141 -9.72 -14.94 -7.02
CA HIS A 141 -10.15 -13.58 -6.77
C HIS A 141 -8.94 -12.64 -6.91
N LEU A 142 -7.79 -13.07 -6.41
CA LEU A 142 -6.59 -12.24 -6.52
C LEU A 142 -6.24 -12.01 -8.00
N ARG A 143 -6.39 -13.05 -8.82
CA ARG A 143 -6.11 -12.90 -10.24
C ARG A 143 -7.12 -11.96 -10.89
N ASP A 144 -8.40 -12.10 -10.53
CA ASP A 144 -9.42 -11.23 -11.09
C ASP A 144 -9.11 -9.76 -10.86
N VAL A 145 -8.67 -9.44 -9.64
CA VAL A 145 -8.36 -8.07 -9.27
C VAL A 145 -7.03 -7.54 -9.79
N PHE A 146 -5.95 -8.29 -9.57
CA PHE A 146 -4.63 -7.85 -10.01
C PHE A 146 -4.36 -7.94 -11.50
N TYR A 147 -4.92 -8.94 -12.18
CA TYR A 147 -4.71 -9.05 -13.62
C TYR A 147 -5.38 -7.85 -14.30
N ARG A 148 -6.46 -7.36 -13.71
CA ARG A 148 -7.19 -6.20 -14.23
C ARG A 148 -6.30 -4.96 -14.17
N MET A 149 -5.41 -4.91 -13.18
CA MET A 149 -4.48 -3.80 -13.01
C MET A 149 -3.29 -3.96 -13.95
N GLY A 150 -3.15 -5.15 -14.54
CA GLY A 150 -2.04 -5.39 -15.43
C GLY A 150 -0.84 -5.95 -14.67
N LEU A 151 -1.07 -6.42 -13.45
CA LEU A 151 0.00 -7.00 -12.64
C LEU A 151 -0.03 -8.52 -12.76
N ASN A 152 1.13 -9.16 -12.63
CA ASN A 152 1.23 -10.61 -12.77
C ASN A 152 1.33 -11.37 -11.44
N ASP A 153 1.49 -12.69 -11.54
CA ASP A 153 1.59 -13.53 -10.35
C ASP A 153 2.74 -13.15 -9.44
N LYS A 154 3.88 -12.85 -10.05
CA LYS A 154 5.05 -12.45 -9.29
C LYS A 154 4.71 -11.22 -8.47
N GLU A 155 4.12 -10.22 -9.14
CA GLU A 155 3.76 -8.98 -8.47
C GLU A 155 2.69 -9.16 -7.40
N ILE A 156 1.75 -10.07 -7.63
CA ILE A 156 0.71 -10.33 -6.64
C ILE A 156 1.33 -10.84 -5.34
N VAL A 157 2.26 -11.79 -5.46
CA VAL A 157 2.89 -12.34 -4.27
C VAL A 157 3.83 -11.34 -3.58
N ALA A 158 4.68 -10.68 -4.36
CA ALA A 158 5.62 -9.71 -3.80
C ALA A 158 4.92 -8.57 -3.06
N LEU A 159 3.89 -7.99 -3.67
CA LEU A 159 3.17 -6.89 -3.05
C LEU A 159 2.41 -7.32 -1.78
N SER A 160 1.97 -8.58 -1.75
CA SER A 160 1.26 -9.07 -0.57
C SER A 160 2.22 -9.05 0.62
N GLY A 161 3.51 -9.08 0.32
CA GLY A 161 4.53 -9.05 1.37
C GLY A 161 4.52 -7.77 2.19
N ALA A 162 3.81 -6.76 1.72
CA ALA A 162 3.73 -5.50 2.47
C ALA A 162 3.00 -5.75 3.79
N HIS A 163 2.34 -6.90 3.89
CA HIS A 163 1.63 -7.25 5.13
C HIS A 163 2.62 -7.54 6.24
N THR A 164 3.92 -7.43 5.94
CA THR A 164 4.93 -7.61 6.96
C THR A 164 4.82 -6.34 7.82
N LEU A 165 4.11 -5.35 7.30
CA LEU A 165 3.91 -4.10 8.01
C LEU A 165 2.46 -3.96 8.49
N GLY A 166 2.29 -3.58 9.75
CA GLY A 166 0.95 -3.36 10.25
C GLY A 166 0.11 -4.49 10.80
N ARG A 167 -1.18 -4.23 10.86
CA ARG A 167 -2.12 -5.18 11.43
C ARG A 167 -3.54 -4.95 10.92
N SER A 168 -4.43 -5.84 11.32
CA SER A 168 -5.85 -5.78 10.95
C SER A 168 -6.65 -5.53 12.24
N ARG A 169 -7.74 -4.79 12.12
CA ARG A 169 -8.57 -4.49 13.28
C ARG A 169 -10.01 -4.89 12.99
N PRO A 170 -10.65 -5.62 13.91
CA PRO A 170 -12.04 -6.02 13.67
C PRO A 170 -12.99 -4.81 13.56
N ASP A 171 -12.54 -3.66 14.03
CA ASP A 171 -13.33 -2.43 13.96
C ASP A 171 -13.10 -1.67 12.65
N ARG A 172 -12.20 -2.19 11.81
CA ARG A 172 -11.93 -1.60 10.50
C ARG A 172 -12.38 -2.56 9.42
N SER A 173 -11.48 -3.44 8.96
CA SER A 173 -11.82 -4.41 7.94
C SER A 173 -12.71 -5.51 8.50
N GLY A 174 -12.60 -5.75 9.81
CA GLY A 174 -13.41 -6.79 10.43
C GLY A 174 -12.60 -8.04 10.71
N TRP A 175 -11.36 -8.09 10.21
CA TRP A 175 -10.50 -9.25 10.42
C TRP A 175 -9.54 -9.04 11.58
N GLY A 176 -9.12 -10.15 12.18
CA GLY A 176 -8.18 -10.10 13.28
C GLY A 176 -8.76 -10.02 14.68
N LYS A 177 -7.93 -10.30 15.66
CA LYS A 177 -8.31 -10.25 17.07
C LYS A 177 -8.22 -8.80 17.53
N PRO A 178 -8.94 -8.45 18.60
CA PRO A 178 -8.94 -7.08 19.14
C PRO A 178 -7.53 -6.61 19.54
N GLU A 179 -6.68 -7.54 19.95
CA GLU A 179 -5.31 -7.24 20.33
C GLU A 179 -4.55 -8.54 20.57
N THR A 180 -3.22 -8.44 20.64
CA THR A 180 -2.37 -9.60 20.89
C THR A 180 -1.17 -9.09 21.68
N LYS A 181 -0.33 -10.01 22.15
CA LYS A 181 0.84 -9.60 22.91
C LYS A 181 1.77 -8.70 22.09
N TYR A 182 1.70 -8.83 20.76
CA TYR A 182 2.54 -8.04 19.85
C TYR A 182 2.01 -6.63 19.56
N THR A 183 0.74 -6.37 19.85
CA THR A 183 0.15 -5.08 19.54
C THR A 183 -0.45 -4.31 20.72
N LYS A 184 -0.64 -5.00 21.85
CA LYS A 184 -1.26 -4.39 23.04
C LYS A 184 -0.55 -3.17 23.64
N ASP A 185 0.71 -2.95 23.24
CA ASP A 185 1.48 -1.82 23.76
C ASP A 185 1.97 -0.88 22.67
N GLY A 186 1.30 -0.91 21.52
CA GLY A 186 1.73 -0.06 20.43
C GLY A 186 3.09 -0.49 19.92
N PRO A 187 3.97 0.45 19.51
CA PRO A 187 3.76 1.91 19.51
C PRO A 187 2.59 2.37 18.65
N GLY A 188 2.31 3.67 18.69
CA GLY A 188 1.18 4.17 17.94
C GLY A 188 -0.04 3.72 18.73
N ALA A 189 -1.19 3.59 18.07
CA ALA A 189 -2.39 3.15 18.74
C ALA A 189 -2.34 1.64 18.92
N PRO A 190 -2.37 1.16 20.17
CA PRO A 190 -2.32 -0.29 20.37
C PRO A 190 -3.54 -1.05 19.83
N GLY A 191 -3.42 -2.37 19.73
CA GLY A 191 -4.53 -3.17 19.26
C GLY A 191 -4.41 -3.77 17.88
N GLY A 192 -5.41 -4.57 17.52
CA GLY A 192 -5.44 -5.22 16.22
C GLY A 192 -4.57 -6.47 16.25
N GLN A 193 -4.45 -7.12 15.09
CA GLN A 193 -3.63 -8.32 15.00
C GLN A 193 -2.70 -8.21 13.80
N SER A 194 -1.41 -8.40 14.04
CA SER A 194 -0.41 -8.31 13.00
C SER A 194 -0.15 -9.66 12.31
N TRP A 195 0.49 -9.60 11.15
CA TRP A 195 0.86 -10.79 10.39
C TRP A 195 2.23 -11.27 10.88
N THR A 196 3.04 -10.32 11.34
CA THR A 196 4.38 -10.61 11.82
C THR A 196 4.60 -10.04 13.23
N ALA A 197 5.57 -10.59 13.96
CA ALA A 197 5.86 -10.13 15.32
C ALA A 197 6.35 -8.68 15.30
N GLN A 198 7.29 -8.39 14.41
CA GLN A 198 7.81 -7.02 14.30
C GLN A 198 7.08 -6.32 13.15
N TRP A 199 5.82 -5.96 13.37
CA TRP A 199 5.03 -5.33 12.32
C TRP A 199 5.39 -3.89 11.93
N LEU A 200 6.52 -3.40 12.43
CA LEU A 200 7.01 -2.07 12.02
C LEU A 200 8.36 -2.26 11.32
N LYS A 201 8.71 -3.52 11.04
CA LYS A 201 9.97 -3.83 10.37
C LYS A 201 9.67 -4.42 8.99
N PHE A 202 10.26 -3.87 7.94
CA PHE A 202 10.00 -4.41 6.62
C PHE A 202 11.04 -5.45 6.24
N ASP A 203 10.61 -6.70 6.22
CA ASP A 203 11.47 -7.82 5.84
C ASP A 203 10.59 -8.93 5.22
N ASN A 204 11.16 -10.09 4.98
CA ASN A 204 10.42 -11.19 4.36
C ASN A 204 9.70 -12.13 5.35
N SER A 205 9.61 -11.75 6.62
CA SER A 205 8.97 -12.59 7.62
C SER A 205 7.52 -12.97 7.31
N TYR A 206 6.80 -12.09 6.61
CA TYR A 206 5.42 -12.37 6.24
C TYR A 206 5.32 -13.75 5.56
N PHE A 207 6.19 -13.98 4.60
CA PHE A 207 6.18 -15.24 3.86
C PHE A 207 6.52 -16.43 4.75
N LYS A 208 7.40 -16.23 5.71
CA LYS A 208 7.76 -17.33 6.60
C LYS A 208 6.59 -17.64 7.55
N ASP A 209 6.01 -16.59 8.12
CA ASP A 209 4.91 -16.76 9.06
C ASP A 209 3.64 -17.35 8.47
N ILE A 210 3.19 -16.88 7.30
CA ILE A 210 1.96 -17.43 6.74
C ILE A 210 2.13 -18.90 6.36
N LYS A 211 3.36 -19.33 6.12
CA LYS A 211 3.60 -20.72 5.77
C LYS A 211 3.73 -21.58 7.03
N GLU A 212 4.52 -21.10 7.98
CA GLU A 212 4.75 -21.85 9.21
C GLU A 212 3.52 -21.98 10.10
N ARG A 213 2.78 -20.88 10.25
CA ARG A 213 1.58 -20.88 11.09
C ARG A 213 1.80 -21.60 12.40
N ARG A 214 2.81 -21.16 13.15
CA ARG A 214 3.13 -21.75 14.45
C ARG A 214 2.74 -20.83 15.59
N ASP A 215 2.49 -19.56 15.26
CA ASP A 215 2.12 -18.54 16.25
C ASP A 215 0.65 -18.12 16.11
N GLU A 216 -0.18 -18.54 17.06
CA GLU A 216 -1.61 -18.24 17.05
C GLU A 216 -1.94 -16.75 17.10
N ASP A 217 -0.98 -15.92 17.49
CA ASP A 217 -1.21 -14.49 17.56
C ASP A 217 -0.91 -13.80 16.23
N LEU A 218 -0.42 -14.56 15.26
CA LEU A 218 -0.11 -14.01 13.94
C LEU A 218 -1.26 -14.27 12.96
N LEU A 219 -1.67 -13.21 12.26
CA LEU A 219 -2.78 -13.28 11.33
C LEU A 219 -2.49 -13.90 9.96
N VAL A 220 -3.46 -14.65 9.45
CA VAL A 220 -3.36 -15.26 8.12
C VAL A 220 -4.74 -15.18 7.47
N LEU A 221 -4.89 -14.28 6.51
CA LEU A 221 -6.17 -14.11 5.81
C LEU A 221 -6.26 -15.18 4.71
N PRO A 222 -7.49 -15.47 4.25
CA PRO A 222 -7.59 -16.50 3.19
C PRO A 222 -6.73 -16.12 1.99
N THR A 223 -6.60 -14.83 1.73
CA THR A 223 -5.81 -14.37 0.60
C THR A 223 -4.30 -14.50 0.84
N ASP A 224 -3.89 -14.53 2.11
CA ASP A 224 -2.48 -14.71 2.42
C ASP A 224 -2.22 -16.20 2.21
N ALA A 225 -3.09 -17.03 2.77
CA ALA A 225 -2.98 -18.48 2.66
C ALA A 225 -2.92 -18.94 1.21
N ALA A 226 -3.65 -18.24 0.34
CA ALA A 226 -3.69 -18.56 -1.09
C ALA A 226 -2.30 -18.54 -1.72
N LEU A 227 -1.43 -17.69 -1.18
CA LEU A 227 -0.07 -17.56 -1.69
C LEU A 227 0.72 -18.87 -1.64
N PHE A 228 0.42 -19.72 -0.67
CA PHE A 228 1.11 -21.00 -0.58
C PHE A 228 0.27 -22.18 -1.05
N GLU A 229 -1.04 -21.97 -1.23
CA GLU A 229 -1.90 -23.04 -1.69
C GLU A 229 -1.86 -23.11 -3.23
N ASP A 230 -1.84 -21.94 -3.87
CA ASP A 230 -1.84 -21.86 -5.33
C ASP A 230 -0.57 -22.38 -6.01
N PRO A 231 -0.73 -23.29 -6.99
CA PRO A 231 0.42 -23.87 -7.71
C PRO A 231 1.43 -22.87 -8.29
N SER A 232 0.95 -21.70 -8.70
CA SER A 232 1.85 -20.69 -9.26
C SER A 232 2.35 -19.69 -8.21
N PHE A 233 1.45 -19.23 -7.34
CA PHE A 233 1.85 -18.28 -6.31
C PHE A 233 2.92 -18.88 -5.39
N LYS A 234 2.76 -20.16 -5.04
CA LYS A 234 3.70 -20.80 -4.14
C LYS A 234 5.14 -20.76 -4.61
N VAL A 235 5.36 -20.67 -5.91
CA VAL A 235 6.71 -20.63 -6.43
C VAL A 235 7.42 -19.37 -5.91
N TYR A 236 6.74 -18.24 -5.99
CA TYR A 236 7.33 -16.99 -5.52
C TYR A 236 7.30 -16.87 -4.00
N ALA A 237 6.22 -17.33 -3.38
CA ALA A 237 6.08 -17.27 -1.93
C ALA A 237 7.21 -18.03 -1.23
N GLU A 238 7.54 -19.21 -1.73
CA GLU A 238 8.61 -19.99 -1.14
C GLU A 238 9.94 -19.30 -1.40
N LYS A 239 10.09 -18.71 -2.59
CA LYS A 239 11.33 -18.03 -2.95
C LYS A 239 11.59 -16.85 -2.01
N TYR A 240 10.55 -16.07 -1.73
CA TYR A 240 10.69 -14.92 -0.85
C TYR A 240 10.93 -15.33 0.60
N ALA A 241 10.32 -16.43 1.00
CA ALA A 241 10.50 -16.94 2.36
C ALA A 241 11.96 -17.35 2.57
N ALA A 242 12.61 -17.81 1.51
CA ALA A 242 13.99 -18.27 1.63
C ALA A 242 15.04 -17.29 1.12
N ASP A 243 14.64 -16.33 0.30
CA ASP A 243 15.57 -15.37 -0.28
C ASP A 243 15.15 -13.92 -0.05
N PRO A 244 15.57 -13.33 1.08
CA PRO A 244 15.21 -11.93 1.37
C PRO A 244 15.69 -10.92 0.33
N GLU A 245 16.82 -11.21 -0.31
CA GLU A 245 17.35 -10.32 -1.35
C GLU A 245 16.44 -10.36 -2.57
N ALA A 246 15.97 -11.56 -2.91
CA ALA A 246 15.08 -11.75 -4.04
C ALA A 246 13.78 -11.00 -3.80
N PHE A 247 13.28 -11.07 -2.57
CA PHE A 247 12.05 -10.39 -2.21
C PHE A 247 12.19 -8.88 -2.33
N PHE A 248 13.26 -8.33 -1.78
CA PHE A 248 13.50 -6.88 -1.85
C PHE A 248 13.59 -6.38 -3.28
N LYS A 249 14.23 -7.15 -4.16
CA LYS A 249 14.36 -6.75 -5.56
C LYS A 249 13.00 -6.74 -6.25
N ASP A 250 12.28 -7.86 -6.16
CA ASP A 250 10.98 -7.95 -6.79
C ASP A 250 9.99 -6.97 -6.15
N TYR A 251 10.11 -6.77 -4.84
CA TYR A 251 9.20 -5.85 -4.17
C TYR A 251 9.38 -4.42 -4.64
N ALA A 252 10.63 -3.94 -4.65
CA ALA A 252 10.90 -2.57 -5.06
C ALA A 252 10.32 -2.31 -6.46
N GLU A 253 10.56 -3.22 -7.38
CA GLU A 253 10.05 -3.07 -8.74
C GLU A 253 8.53 -3.11 -8.81
N ALA A 254 7.91 -4.04 -8.08
CA ALA A 254 6.46 -4.16 -8.08
C ALA A 254 5.78 -2.95 -7.44
N HIS A 255 6.35 -2.46 -6.34
CA HIS A 255 5.81 -1.30 -5.63
C HIS A 255 5.84 -0.07 -6.55
N ALA A 256 6.95 0.11 -7.25
CA ALA A 256 7.09 1.24 -8.17
C ALA A 256 6.04 1.13 -9.26
N LYS A 257 5.88 -0.07 -9.82
CA LYS A 257 4.88 -0.29 -10.86
C LYS A 257 3.47 0.04 -10.36
N LEU A 258 3.13 -0.47 -9.19
CA LEU A 258 1.82 -0.21 -8.59
C LEU A 258 1.57 1.29 -8.42
N SER A 259 2.58 1.99 -7.90
CA SER A 259 2.49 3.43 -7.66
C SER A 259 2.21 4.28 -8.90
N ASN A 260 2.46 3.72 -10.08
CA ASN A 260 2.24 4.47 -11.33
C ASN A 260 0.93 4.14 -12.02
N LEU A 261 0.31 3.02 -11.63
CA LEU A 261 -0.93 2.58 -12.25
C LEU A 261 -2.01 3.65 -12.46
N GLY A 262 -2.40 3.83 -13.72
CA GLY A 262 -3.45 4.78 -14.07
C GLY A 262 -3.18 6.26 -13.94
N ALA A 263 -2.00 6.61 -13.45
CA ALA A 263 -1.65 8.02 -13.27
C ALA A 263 -1.40 8.75 -14.58
N LYS A 264 -1.56 10.07 -14.52
CA LYS A 264 -1.29 10.95 -15.65
C LYS A 264 -0.18 11.82 -15.07
N PHE A 265 1.01 11.79 -15.67
CA PHE A 265 2.11 12.59 -15.16
C PHE A 265 2.30 13.90 -15.89
N GLY A 266 2.88 14.85 -15.17
CA GLY A 266 3.18 16.17 -15.71
C GLY A 266 4.60 16.48 -15.30
N PRO A 267 5.57 16.43 -16.22
CA PRO A 267 5.39 16.11 -17.64
C PRO A 267 5.01 14.64 -17.82
N ALA A 268 4.56 14.28 -19.03
CA ALA A 268 4.12 12.92 -19.34
C ALA A 268 4.97 11.80 -18.76
N GLU A 269 6.29 11.96 -18.77
CA GLU A 269 7.19 10.93 -18.25
C GLU A 269 7.48 11.06 -16.76
N GLY A 270 6.93 12.09 -16.13
CA GLY A 270 7.15 12.30 -14.71
C GLY A 270 8.58 12.75 -14.42
N PHE A 271 8.90 12.94 -13.14
CA PHE A 271 10.25 13.36 -12.77
C PHE A 271 10.73 12.61 -11.52
N SER A 272 12.05 12.55 -11.35
CA SER A 272 12.66 11.86 -10.22
C SER A 272 13.21 12.87 -9.22
N LEU A 273 13.26 12.47 -7.96
CA LEU A 273 13.77 13.35 -6.91
C LEU A 273 15.24 13.15 -6.65
N GLU A 274 15.73 11.91 -6.85
CA GLU A 274 17.13 11.62 -6.60
C GLU A 274 17.84 10.89 -7.73
N GLY A 275 17.29 10.98 -8.94
CA GLY A 275 17.90 10.32 -10.07
C GLY A 275 19.13 11.06 -10.54
NA NA B . 7.41 -7.13 9.78
NA NA C . -7.50 7.10 -7.38
CHA HEM D . -3.92 -4.27 5.89
CHB HEM D . -6.32 -7.18 2.90
CHC HEM D . -2.99 -6.32 -0.50
CHD HEM D . -0.66 -3.39 2.47
C1A HEM D . -4.87 -5.12 5.36
C2A HEM D . -6.08 -5.56 6.08
C3A HEM D . -6.75 -6.39 5.23
C4A HEM D . -5.98 -6.44 4.00
CMA HEM D . -8.06 -7.12 5.54
CAA HEM D . -6.55 -5.20 7.49
CBA HEM D . -6.89 -3.68 7.55
CGA HEM D . -7.45 -3.22 8.90
O1A HEM D . -7.61 -4.01 9.83
O2A HEM D . -7.70 -2.03 9.02
C1B HEM D . -5.62 -7.24 1.70
C2B HEM D . -6.01 -8.04 0.55
C3B HEM D . -5.04 -7.78 -0.42
C4B HEM D . -4.10 -6.84 0.17
CMB HEM D . -7.24 -8.96 0.42
CAB HEM D . -4.99 -8.40 -1.83
CBB HEM D . -3.79 -9.30 -2.05
C1C HEM D . -2.09 -5.43 0.00
C2C HEM D . -0.99 -4.89 -0.77
C3C HEM D . -0.32 -4.04 0.06
C4C HEM D . -1.03 -4.10 1.34
CMC HEM D . -0.68 -5.24 -2.26
CAC HEM D . 0.75 -2.99 -0.32
CBC HEM D . 1.90 -3.36 -1.23
C1D HEM D . -1.31 -3.40 3.68
C2D HEM D . -0.85 -2.68 4.86
C3D HEM D . -1.79 -2.94 5.82
C4D HEM D . -2.77 -3.80 5.22
CMD HEM D . 0.41 -1.80 4.97
CAD HEM D . -1.82 -2.46 7.26
CBD HEM D . -2.43 -1.11 7.55
CGD HEM D . -2.43 -0.79 9.03
O1D HEM D . -3.15 0.12 9.44
O2D HEM D . -1.70 -1.47 9.81
NA HEM D . -4.84 -5.64 4.10
NB HEM D . -4.43 -6.52 1.48
NC HEM D . -2.13 -4.92 1.28
ND HEM D . -2.46 -4.11 3.92
FE HEM D . -3.48 -5.32 2.71
#